data_4ZZ3
#
_entry.id   4ZZ3
#
_cell.length_a   74.983
_cell.length_b   74.983
_cell.length_c   100.934
_cell.angle_alpha   90.000
_cell.angle_beta   90.000
_cell.angle_gamma   120.000
#
_symmetry.space_group_name_H-M   'P 32 2 1'
#
loop_
_entity.id
_entity.type
_entity.pdbx_description
1 polymer 'Trifunctional purine biosynthetic protein adenosine-3'
2 non-polymer 'N-{4-[2-(2-amino-4-oxo-4,7-dihydro-3H-pyrrolo[2,3-d]pyrimidin-5-yl)ethyl]benzoyl}-L-glutamic acid'
3 non-polymer 'GLYCINAMIDE RIBONUCLEOTIDE'
4 water water
#
_entity_poly.entity_id   1
_entity_poly.type   'polypeptide(L)'
_entity_poly.pdbx_seq_one_letter_code
;MARVAVLISGTGSNLQALIDSTREPNSSAQIDIVISNKAAVAGLDKAERAGIPTRVINHKLYKNRVEFDSAIDLVLEEFS
IDIVCLAGFMRILSGPFVQKWNGKMLNIHPSLLPSFKGSNAHEQALETGVTVTGCTVHFVAEDVDAGQIILQEAVPVKRG
DTVATLSERVKLAEHKIFPAALQLVASGTVQLGENGKICWVKEEHHHHHH
;
_entity_poly.pdbx_strand_id   A
#
# COMPACT_ATOMS: atom_id res chain seq x y z
N ALA A 2 -4.70 -0.24 16.40
CA ALA A 2 -4.39 0.84 15.48
C ALA A 2 -5.48 1.00 14.42
N ARG A 3 -5.89 2.23 14.16
CA ARG A 3 -6.91 2.51 13.18
C ARG A 3 -6.30 2.72 11.80
N VAL A 4 -6.76 1.94 10.82
CA VAL A 4 -6.11 1.90 9.51
C VAL A 4 -7.01 2.33 8.36
N ALA A 5 -6.48 3.16 7.48
CA ALA A 5 -7.15 3.52 6.23
C ALA A 5 -6.44 2.89 5.04
N VAL A 6 -7.21 2.35 4.11
CA VAL A 6 -6.63 1.74 2.91
C VAL A 6 -7.00 2.54 1.66
N LEU A 7 -5.99 3.00 0.93
CA LEU A 7 -6.20 3.78 -0.27
C LEU A 7 -6.06 2.91 -1.52
N ILE A 8 -7.09 2.94 -2.37
CA ILE A 8 -7.12 2.09 -3.56
C ILE A 8 -7.39 2.91 -4.82
N SER A 9 -7.14 2.30 -5.97
CA SER A 9 -7.45 2.93 -7.26
C SER A 9 -8.01 1.89 -8.23
N GLY A 10 -7.65 0.63 -8.02
CA GLY A 10 -8.04 -0.43 -8.93
C GLY A 10 -8.76 -1.62 -8.28
N THR A 11 -8.24 -2.81 -8.53
CA THR A 11 -8.87 -4.05 -8.10
C THR A 11 -9.00 -4.16 -6.58
N GLY A 12 -7.88 -4.45 -5.91
CA GLY A 12 -7.87 -4.51 -4.46
C GLY A 12 -7.83 -5.90 -3.88
N SER A 13 -7.04 -6.79 -4.47
CA SER A 13 -6.85 -8.11 -3.91
C SER A 13 -5.98 -8.02 -2.65
N ASN A 14 -5.04 -7.07 -2.66
CA ASN A 14 -4.24 -6.78 -1.48
C ASN A 14 -5.11 -6.25 -0.35
N LEU A 15 -6.15 -5.49 -0.73
CA LEU A 15 -7.13 -5.00 0.23
C LEU A 15 -7.82 -6.15 0.94
N GLN A 16 -8.22 -7.16 0.17
CA GLN A 16 -8.92 -8.32 0.73
C GLN A 16 -8.04 -9.08 1.71
N ALA A 17 -6.77 -9.24 1.35
CA ALA A 17 -5.81 -9.93 2.21
C ALA A 17 -5.60 -9.14 3.50
N LEU A 18 -5.60 -7.81 3.39
CA LEU A 18 -5.50 -6.96 4.56
C LEU A 18 -6.73 -7.11 5.44
N ILE A 19 -7.90 -7.13 4.82
CA ILE A 19 -9.16 -7.27 5.53
C ILE A 19 -9.23 -8.58 6.31
N ASP A 20 -8.84 -9.68 5.66
CA ASP A 20 -8.88 -11.00 6.27
C ASP A 20 -7.98 -11.10 7.49
N SER A 21 -6.81 -10.46 7.42
CA SER A 21 -5.83 -10.56 8.49
C SER A 21 -6.22 -9.71 9.70
N THR A 22 -7.09 -8.71 9.49
CA THR A 22 -7.54 -7.86 10.58
C THR A 22 -8.74 -8.47 11.31
N ARG A 23 -9.33 -9.49 10.70
CA ARG A 23 -10.43 -10.21 11.34
C ARG A 23 -9.87 -11.21 12.36
N GLU A 24 -8.58 -11.50 12.24
CA GLU A 24 -7.90 -12.36 13.21
C GLU A 24 -7.98 -11.75 14.61
N PRO A 25 -8.31 -12.59 15.60
CA PRO A 25 -8.46 -12.14 17.00
C PRO A 25 -7.22 -11.44 17.55
N ASN A 26 -6.04 -11.84 17.10
CA ASN A 26 -4.79 -11.28 17.59
C ASN A 26 -4.29 -10.09 16.78
N SER A 27 -5.09 -9.65 15.80
CA SER A 27 -4.70 -8.55 14.94
C SER A 27 -4.62 -7.23 15.72
N SER A 28 -3.58 -6.45 15.44
CA SER A 28 -3.39 -5.17 16.10
C SER A 28 -3.98 -4.04 15.24
N ALA A 29 -4.48 -4.40 14.07
CA ALA A 29 -5.00 -3.40 13.14
C ALA A 29 -6.48 -3.56 12.86
N GLN A 30 -7.17 -2.44 12.70
CA GLN A 30 -8.56 -2.44 12.26
C GLN A 30 -8.73 -1.48 11.08
N ILE A 31 -9.37 -1.96 10.02
CA ILE A 31 -9.60 -1.13 8.84
C ILE A 31 -10.94 -0.41 9.01
N ASP A 32 -10.88 0.91 9.16
CA ASP A 32 -12.07 1.70 9.49
C ASP A 32 -12.63 2.46 8.30
N ILE A 33 -11.83 2.59 7.25
CA ILE A 33 -12.25 3.33 6.07
C ILE A 33 -11.43 2.96 4.83
N VAL A 34 -12.10 2.84 3.69
CA VAL A 34 -11.44 2.58 2.42
C VAL A 34 -11.68 3.74 1.46
N ILE A 35 -10.61 4.30 0.92
CA ILE A 35 -10.72 5.48 0.06
C ILE A 35 -10.22 5.22 -1.35
N SER A 36 -11.08 5.45 -2.33
CA SER A 36 -10.71 5.29 -3.74
C SER A 36 -10.76 6.65 -4.45
N ASN A 37 -9.74 6.92 -5.25
CA ASN A 37 -9.68 8.16 -6.02
C ASN A 37 -10.50 8.05 -7.30
N LYS A 38 -10.97 6.85 -7.60
CA LYS A 38 -11.82 6.61 -8.76
C LYS A 38 -13.14 5.97 -8.34
N ALA A 39 -14.22 6.37 -9.00
CA ALA A 39 -15.54 5.88 -8.66
C ALA A 39 -15.81 4.50 -9.25
N ALA A 40 -16.49 3.66 -8.46
CA ALA A 40 -16.94 2.34 -8.90
C ALA A 40 -15.81 1.44 -9.38
N VAL A 41 -14.76 1.33 -8.58
CA VAL A 41 -13.72 0.34 -8.83
C VAL A 41 -13.99 -0.90 -7.98
N ALA A 42 -13.38 -2.02 -8.35
CA ALA A 42 -13.68 -3.31 -7.72
C ALA A 42 -13.33 -3.36 -6.24
N GLY A 43 -12.51 -2.41 -5.78
CA GLY A 43 -12.10 -2.39 -4.39
C GLY A 43 -13.18 -1.89 -3.44
N LEU A 44 -14.04 -1.03 -3.95
CA LEU A 44 -15.14 -0.47 -3.15
C LEU A 44 -16.15 -1.56 -2.78
N ASP A 45 -16.34 -2.50 -3.69
CA ASP A 45 -17.29 -3.58 -3.48
C ASP A 45 -16.77 -4.59 -2.46
N LYS A 46 -15.46 -4.84 -2.51
CA LYS A 46 -14.82 -5.72 -1.53
C LYS A 46 -14.96 -5.13 -0.13
N ALA A 47 -14.81 -3.82 -0.04
CA ALA A 47 -14.90 -3.10 1.23
C ALA A 47 -16.33 -3.05 1.73
N GLU A 48 -17.29 -2.94 0.80
CA GLU A 48 -18.70 -2.90 1.16
C GLU A 48 -19.20 -4.28 1.53
N ARG A 49 -18.67 -5.31 0.86
CA ARG A 49 -19.00 -6.69 1.18
C ARG A 49 -18.46 -7.07 2.55
N ALA A 50 -17.37 -6.41 2.96
CA ALA A 50 -16.76 -6.68 4.25
C ALA A 50 -17.43 -5.86 5.35
N GLY A 51 -18.15 -4.81 4.96
CA GLY A 51 -18.84 -3.97 5.91
C GLY A 51 -17.99 -2.79 6.36
N ILE A 52 -17.16 -2.31 5.46
CA ILE A 52 -16.27 -1.18 5.74
C ILE A 52 -16.70 0.05 4.95
N PRO A 53 -16.83 1.19 5.64
CA PRO A 53 -17.21 2.47 5.01
C PRO A 53 -16.28 2.84 3.86
N THR A 54 -16.86 3.39 2.79
CA THR A 54 -16.09 3.77 1.61
C THR A 54 -16.33 5.22 1.24
N ARG A 55 -15.26 5.88 0.79
N ARG A 55 -15.26 5.90 0.80
CA ARG A 55 -15.34 7.28 0.36
CA ARG A 55 -15.35 7.28 0.36
C ARG A 55 -14.60 7.46 -0.97
C ARG A 55 -14.60 7.49 -0.95
N VAL A 56 -15.24 8.13 -1.91
CA VAL A 56 -14.61 8.40 -3.20
C VAL A 56 -14.21 9.87 -3.31
N ILE A 57 -12.90 10.10 -3.48
CA ILE A 57 -12.38 11.45 -3.61
C ILE A 57 -11.69 11.61 -4.96
N ASN A 58 -12.48 11.99 -5.96
CA ASN A 58 -12.01 12.09 -7.34
C ASN A 58 -11.04 13.25 -7.54
N HIS A 59 -9.76 12.93 -7.72
CA HIS A 59 -8.72 13.95 -7.87
C HIS A 59 -8.90 14.77 -9.14
N LYS A 60 -9.66 14.25 -10.09
CA LYS A 60 -9.97 14.98 -11.32
C LYS A 60 -11.16 15.90 -11.10
N LEU A 61 -11.33 16.35 -9.87
CA LEU A 61 -12.40 17.28 -9.52
C LEU A 61 -11.88 18.27 -8.48
N TYR A 62 -10.55 18.39 -8.40
CA TYR A 62 -9.91 19.28 -7.45
C TYR A 62 -8.89 20.18 -8.15
N LYS A 63 -8.55 21.29 -7.51
CA LYS A 63 -7.67 22.30 -8.09
C LYS A 63 -6.31 21.73 -8.47
N ASN A 64 -5.69 21.02 -7.54
CA ASN A 64 -4.39 20.38 -7.78
C ASN A 64 -4.13 19.24 -6.79
N ARG A 65 -2.85 18.92 -6.62
CA ARG A 65 -2.44 17.80 -5.77
C ARG A 65 -2.71 18.05 -4.29
N VAL A 66 -2.17 19.14 -3.77
CA VAL A 66 -2.25 19.46 -2.35
C VAL A 66 -3.70 19.58 -1.86
N GLU A 67 -4.54 20.23 -2.66
N GLU A 67 -4.52 20.28 -2.65
CA GLU A 67 -5.93 20.45 -2.28
CA GLU A 67 -5.93 20.44 -2.35
C GLU A 67 -6.75 19.17 -2.37
C GLU A 67 -6.64 19.10 -2.26
N PHE A 68 -6.30 18.22 -3.19
CA PHE A 68 -6.94 16.91 -3.26
C PHE A 68 -6.45 16.02 -2.13
N ASP A 69 -5.18 16.17 -1.77
CA ASP A 69 -4.60 15.43 -0.64
C ASP A 69 -5.26 15.86 0.66
N SER A 70 -5.67 17.13 0.71
CA SER A 70 -6.33 17.67 1.89
C SER A 70 -7.70 17.05 2.08
N ALA A 71 -8.38 16.77 0.98
CA ALA A 71 -9.70 16.15 1.03
C ALA A 71 -9.59 14.73 1.59
N ILE A 72 -8.50 14.05 1.25
CA ILE A 72 -8.22 12.73 1.80
C ILE A 72 -7.89 12.85 3.28
N ASP A 73 -7.03 13.81 3.61
CA ASP A 73 -6.59 14.04 4.98
C ASP A 73 -7.77 14.32 5.91
N LEU A 74 -8.78 15.02 5.39
CA LEU A 74 -9.97 15.34 6.15
C LEU A 74 -10.75 14.08 6.53
N VAL A 75 -10.82 13.13 5.60
CA VAL A 75 -11.52 11.88 5.84
C VAL A 75 -10.75 11.02 6.82
N LEU A 76 -9.43 11.06 6.74
CA LEU A 76 -8.57 10.31 7.65
C LEU A 76 -8.74 10.82 9.08
N GLU A 77 -8.88 12.14 9.22
CA GLU A 77 -9.09 12.76 10.52
C GLU A 77 -10.49 12.46 11.05
N GLU A 78 -11.45 12.36 10.13
CA GLU A 78 -12.83 12.04 10.48
C GLU A 78 -12.93 10.67 11.14
N PHE A 79 -12.16 9.72 10.61
CA PHE A 79 -12.19 8.35 11.11
C PHE A 79 -11.04 8.07 12.07
N SER A 80 -10.35 9.13 12.49
CA SER A 80 -9.28 9.06 13.49
C SER A 80 -8.20 8.03 13.13
N ILE A 81 -7.78 8.05 11.87
CA ILE A 81 -6.86 7.06 11.34
C ILE A 81 -5.44 7.21 11.89
N ASP A 82 -4.82 6.08 12.24
CA ASP A 82 -3.45 6.08 12.72
C ASP A 82 -2.48 5.67 11.61
N ILE A 83 -2.91 4.74 10.76
CA ILE A 83 -2.03 4.16 9.74
C ILE A 83 -2.69 4.14 8.36
N VAL A 84 -1.94 4.53 7.33
CA VAL A 84 -2.45 4.51 5.96
C VAL A 84 -1.78 3.43 5.12
N CYS A 85 -2.59 2.62 4.45
CA CYS A 85 -2.06 1.60 3.54
C CYS A 85 -2.41 1.92 2.10
N LEU A 86 -1.38 2.00 1.25
CA LEU A 86 -1.59 2.20 -0.17
C LEU A 86 -1.70 0.84 -0.87
N ALA A 87 -2.91 0.48 -1.27
CA ALA A 87 -3.15 -0.79 -1.93
C ALA A 87 -3.55 -0.56 -3.39
N GLY A 88 -2.55 -0.33 -4.24
CA GLY A 88 -2.79 -0.07 -5.64
C GLY A 88 -3.25 1.36 -5.87
N PHE A 89 -2.83 2.27 -5.00
CA PHE A 89 -3.17 3.68 -5.12
C PHE A 89 -2.16 4.36 -6.03
N MET A 90 -2.64 4.90 -7.15
CA MET A 90 -1.76 5.33 -8.23
C MET A 90 -1.47 6.83 -8.28
N ARG A 91 -1.89 7.56 -7.26
CA ARG A 91 -1.61 8.99 -7.21
C ARG A 91 -0.38 9.31 -6.37
N ILE A 92 0.53 10.11 -6.92
CA ILE A 92 1.66 10.61 -6.16
C ILE A 92 1.15 11.62 -5.13
N LEU A 93 1.47 11.38 -3.87
CA LEU A 93 1.01 12.24 -2.79
C LEU A 93 1.98 13.40 -2.58
N SER A 94 1.42 14.57 -2.29
CA SER A 94 2.21 15.79 -2.16
C SER A 94 3.19 15.72 -0.98
N GLY A 95 4.10 16.69 -0.94
CA GLY A 95 5.07 16.82 0.13
C GLY A 95 4.50 16.83 1.54
N PRO A 96 3.65 17.81 1.86
CA PRO A 96 3.08 17.94 3.20
C PRO A 96 2.28 16.72 3.67
N PHE A 97 1.52 16.11 2.77
CA PHE A 97 0.73 14.93 3.13
C PHE A 97 1.64 13.78 3.54
N VAL A 98 2.67 13.54 2.73
CA VAL A 98 3.63 12.47 2.99
C VAL A 98 4.38 12.75 4.29
N GLN A 99 4.66 14.02 4.56
CA GLN A 99 5.40 14.40 5.75
C GLN A 99 4.55 14.26 7.02
N LYS A 100 3.26 14.57 6.92
CA LYS A 100 2.37 14.43 8.05
C LYS A 100 2.21 12.96 8.45
N TRP A 101 2.03 12.11 7.44
CA TRP A 101 1.82 10.69 7.68
C TRP A 101 3.12 9.90 7.56
N ASN A 102 4.24 10.60 7.73
CA ASN A 102 5.55 9.96 7.68
C ASN A 102 5.72 8.93 8.79
N GLY A 103 6.09 7.72 8.39
CA GLY A 103 6.26 6.63 9.34
C GLY A 103 4.94 6.01 9.75
N LYS A 104 3.87 6.41 9.07
CA LYS A 104 2.54 5.89 9.36
C LYS A 104 1.83 5.45 8.08
N MET A 105 2.56 5.47 6.96
CA MET A 105 1.97 5.11 5.67
C MET A 105 2.79 4.03 4.97
N LEU A 106 2.11 2.95 4.58
CA LEU A 106 2.78 1.80 3.98
C LEU A 106 2.39 1.62 2.52
N ASN A 107 3.27 0.98 1.76
CA ASN A 107 3.02 0.71 0.34
C ASN A 107 3.63 -0.60 -0.12
N ILE A 108 2.90 -1.31 -0.98
CA ILE A 108 3.41 -2.54 -1.57
C ILE A 108 3.93 -2.26 -2.99
N HIS A 109 5.12 -2.78 -3.29
CA HIS A 109 5.71 -2.61 -4.61
C HIS A 109 6.17 -3.96 -5.15
N PRO A 110 5.76 -4.28 -6.38
CA PRO A 110 5.99 -5.60 -6.98
C PRO A 110 7.41 -5.81 -7.50
N SER A 111 8.41 -5.47 -6.68
CA SER A 111 9.80 -5.78 -7.01
C SER A 111 10.63 -5.84 -5.73
N LEU A 112 11.83 -6.39 -5.83
CA LEU A 112 12.77 -6.34 -4.72
C LEU A 112 13.57 -5.04 -4.79
N LEU A 113 13.03 -4.00 -4.15
CA LEU A 113 13.68 -2.70 -4.11
C LEU A 113 15.10 -2.83 -3.56
N PRO A 114 16.02 -1.98 -4.03
CA PRO A 114 15.83 -0.83 -4.93
C PRO A 114 15.75 -1.18 -6.42
N SER A 115 15.58 -2.46 -6.75
CA SER A 115 15.48 -2.84 -8.15
C SER A 115 14.10 -2.52 -8.71
N PHE A 116 14.08 -1.99 -9.94
CA PHE A 116 12.86 -1.81 -10.71
C PHE A 116 11.84 -0.91 -10.03
N LYS A 117 12.25 0.32 -9.72
CA LYS A 117 11.32 1.33 -9.26
C LYS A 117 10.45 1.77 -10.43
N GLY A 118 9.20 2.13 -10.16
CA GLY A 118 8.34 2.64 -11.22
C GLY A 118 7.02 1.92 -11.39
N SER A 119 6.35 2.20 -12.51
CA SER A 119 4.99 1.75 -12.74
C SER A 119 4.89 0.35 -13.34
N ASN A 120 5.97 -0.12 -13.97
CA ASN A 120 5.95 -1.43 -14.61
C ASN A 120 7.13 -2.31 -14.20
N ALA A 121 7.16 -2.67 -12.91
CA ALA A 121 8.26 -3.45 -12.35
C ALA A 121 8.41 -4.82 -13.02
N HIS A 122 7.28 -5.48 -13.25
CA HIS A 122 7.30 -6.80 -13.88
C HIS A 122 7.88 -6.72 -15.29
N GLU A 123 7.48 -5.70 -16.05
CA GLU A 123 7.99 -5.49 -17.39
C GLU A 123 9.50 -5.25 -17.37
N GLN A 124 9.96 -4.49 -16.38
CA GLN A 124 11.38 -4.22 -16.21
C GLN A 124 12.14 -5.49 -15.84
N ALA A 125 11.55 -6.28 -14.94
CA ALA A 125 12.17 -7.51 -14.46
C ALA A 125 12.35 -8.52 -15.59
N LEU A 126 11.34 -8.63 -16.46
CA LEU A 126 11.40 -9.56 -17.57
C LEU A 126 12.36 -9.08 -18.66
N GLU A 127 12.41 -7.77 -18.85
CA GLU A 127 13.30 -7.18 -19.85
C GLU A 127 14.77 -7.33 -19.43
N THR A 128 15.03 -7.14 -18.14
CA THR A 128 16.38 -7.23 -17.61
C THR A 128 16.85 -8.69 -17.62
N GLY A 129 15.95 -9.60 -17.30
CA GLY A 129 16.24 -11.01 -17.37
C GLY A 129 16.66 -11.64 -16.05
N VAL A 130 16.20 -11.05 -14.95
CA VAL A 130 16.46 -11.60 -13.64
C VAL A 130 15.72 -12.92 -13.48
N THR A 131 16.23 -13.81 -12.64
CA THR A 131 15.57 -15.07 -12.37
C THR A 131 14.91 -15.02 -11.00
N VAL A 132 15.26 -13.99 -10.23
CA VAL A 132 14.65 -13.74 -8.93
C VAL A 132 14.13 -12.31 -8.83
N THR A 133 12.82 -12.19 -8.64
CA THR A 133 12.20 -10.91 -8.33
C THR A 133 11.46 -11.05 -7.00
N GLY A 134 10.53 -10.16 -6.73
CA GLY A 134 9.71 -10.28 -5.54
C GLY A 134 8.81 -9.09 -5.31
N CYS A 135 8.58 -8.77 -4.04
CA CYS A 135 7.77 -7.61 -3.68
C CYS A 135 8.29 -6.96 -2.40
N THR A 136 7.98 -5.68 -2.22
CA THR A 136 8.50 -4.93 -1.09
C THR A 136 7.42 -4.08 -0.42
N VAL A 137 7.28 -4.25 0.89
CA VAL A 137 6.48 -3.32 1.68
C VAL A 137 7.41 -2.31 2.33
N HIS A 138 7.10 -1.04 2.16
CA HIS A 138 7.96 0.03 2.66
C HIS A 138 7.14 1.22 3.13
N PHE A 139 7.72 1.99 4.04
CA PHE A 139 7.14 3.27 4.42
C PHE A 139 7.17 4.19 3.22
N VAL A 140 6.12 4.98 3.04
CA VAL A 140 6.07 5.91 1.92
C VAL A 140 6.86 7.19 2.22
N ALA A 141 7.87 7.45 1.41
CA ALA A 141 8.62 8.70 1.51
C ALA A 141 8.21 9.63 0.37
N GLU A 142 8.70 10.87 0.40
CA GLU A 142 8.36 11.83 -0.64
C GLU A 142 8.89 11.37 -2.00
N ASP A 143 10.08 10.78 -2.00
CA ASP A 143 10.63 10.20 -3.22
C ASP A 143 10.01 8.83 -3.47
N VAL A 144 9.47 8.65 -4.67
CA VAL A 144 8.73 7.45 -5.05
C VAL A 144 9.52 6.16 -4.87
N ASP A 145 8.93 5.21 -4.15
CA ASP A 145 9.51 3.88 -3.95
C ASP A 145 10.91 3.95 -3.32
N ALA A 146 11.13 4.93 -2.46
CA ALA A 146 12.44 5.14 -1.86
C ALA A 146 12.38 5.18 -0.34
N GLY A 147 11.23 4.87 0.22
CA GLY A 147 11.08 4.84 1.66
C GLY A 147 11.76 3.65 2.29
N GLN A 148 11.82 3.62 3.61
CA GLN A 148 12.48 2.54 4.32
C GLN A 148 11.74 1.21 4.18
N ILE A 149 12.51 0.15 3.93
CA ILE A 149 11.95 -1.16 3.67
C ILE A 149 11.56 -1.89 4.96
N ILE A 150 10.33 -2.41 4.99
CA ILE A 150 9.83 -3.13 6.15
C ILE A 150 9.94 -4.63 5.97
N LEU A 151 9.35 -5.16 4.90
CA LEU A 151 9.43 -6.57 4.58
C LEU A 151 9.59 -6.80 3.08
N GLN A 152 10.26 -7.90 2.73
CA GLN A 152 10.41 -8.32 1.34
C GLN A 152 10.29 -9.83 1.22
N GLU A 153 9.77 -10.30 0.10
CA GLU A 153 9.73 -11.73 -0.18
C GLU A 153 10.17 -11.99 -1.61
N ALA A 154 11.09 -12.92 -1.79
CA ALA A 154 11.61 -13.25 -3.12
C ALA A 154 10.68 -14.20 -3.86
N VAL A 155 10.49 -13.94 -5.15
CA VAL A 155 9.66 -14.77 -6.00
C VAL A 155 10.43 -15.14 -7.26
N PRO A 156 10.48 -16.44 -7.58
CA PRO A 156 11.24 -16.90 -8.76
C PRO A 156 10.61 -16.50 -10.08
N VAL A 157 11.44 -16.22 -11.07
CA VAL A 157 10.97 -15.99 -12.44
C VAL A 157 11.21 -17.23 -13.28
N LYS A 158 10.13 -17.81 -13.79
CA LYS A 158 10.24 -19.01 -14.61
C LYS A 158 10.37 -18.64 -16.08
N ARG A 159 11.07 -19.48 -16.84
CA ARG A 159 11.23 -19.25 -18.27
C ARG A 159 9.89 -19.22 -18.99
N GLY A 160 9.71 -18.22 -19.85
CA GLY A 160 8.48 -18.09 -20.61
C GLY A 160 7.45 -17.26 -19.86
N ASP A 161 7.85 -16.71 -18.72
CA ASP A 161 6.96 -15.87 -17.91
C ASP A 161 6.54 -14.61 -18.67
N THR A 162 5.30 -14.19 -18.42
CA THR A 162 4.82 -12.92 -18.93
C THR A 162 4.42 -12.05 -17.74
N VAL A 163 3.92 -10.86 -18.01
CA VAL A 163 3.44 -9.99 -16.94
C VAL A 163 2.26 -10.66 -16.22
N ALA A 164 1.46 -11.39 -16.99
CA ALA A 164 0.29 -12.08 -16.45
C ALA A 164 0.66 -13.16 -15.44
N THR A 165 1.60 -14.03 -15.82
CA THR A 165 1.98 -15.16 -14.98
C THR A 165 2.89 -14.74 -13.82
N LEU A 166 3.80 -13.81 -14.08
CA LEU A 166 4.75 -13.36 -13.07
C LEU A 166 4.06 -12.58 -11.96
N SER A 167 3.16 -11.68 -12.34
CA SER A 167 2.42 -10.90 -11.36
C SER A 167 1.49 -11.77 -10.53
N GLU A 168 0.97 -12.83 -11.14
CA GLU A 168 0.13 -13.79 -10.44
C GLU A 168 0.89 -14.46 -9.32
N ARG A 169 2.14 -14.80 -9.59
CA ARG A 169 2.99 -15.48 -8.62
C ARG A 169 3.47 -14.51 -7.53
N VAL A 170 3.81 -13.30 -7.94
CA VAL A 170 4.31 -12.28 -7.01
C VAL A 170 3.21 -11.83 -6.06
N LYS A 171 1.98 -11.77 -6.56
CA LYS A 171 0.83 -11.34 -5.75
C LYS A 171 0.56 -12.30 -4.59
N LEU A 172 0.90 -13.56 -4.76
CA LEU A 172 0.77 -14.54 -3.69
C LEU A 172 1.69 -14.20 -2.53
N ALA A 173 2.83 -13.58 -2.86
CA ALA A 173 3.78 -13.13 -1.86
C ALA A 173 3.31 -11.81 -1.26
N GLU A 174 2.73 -10.96 -2.10
CA GLU A 174 2.18 -9.68 -1.66
C GLU A 174 1.12 -9.89 -0.59
N HIS A 175 0.29 -10.91 -0.79
CA HIS A 175 -0.80 -11.22 0.13
C HIS A 175 -0.28 -11.74 1.46
N LYS A 176 1.00 -12.11 1.50
CA LYS A 176 1.62 -12.59 2.73
C LYS A 176 2.28 -11.45 3.52
N ILE A 177 3.21 -10.75 2.87
CA ILE A 177 4.05 -9.80 3.57
C ILE A 177 3.38 -8.46 3.88
N PHE A 178 2.36 -8.09 3.11
CA PHE A 178 1.70 -6.81 3.33
C PHE A 178 0.80 -6.87 4.58
N PRO A 179 0.03 -7.97 4.76
CA PRO A 179 -0.66 -8.04 6.06
C PRO A 179 0.32 -8.22 7.22
N ALA A 180 1.41 -8.94 6.98
CA ALA A 180 2.41 -9.17 8.02
C ALA A 180 3.11 -7.88 8.41
N ALA A 181 3.37 -7.03 7.42
CA ALA A 181 4.03 -5.76 7.67
C ALA A 181 3.11 -4.80 8.41
N LEU A 182 1.84 -4.79 8.03
CA LEU A 182 0.85 -3.95 8.68
C LEU A 182 0.74 -4.29 10.16
N GLN A 183 0.78 -5.58 10.48
CA GLN A 183 0.74 -6.04 11.86
C GLN A 183 1.96 -5.57 12.63
N LEU A 184 3.13 -5.67 12.00
CA LEU A 184 4.39 -5.25 12.61
C LEU A 184 4.36 -3.77 12.98
N VAL A 185 3.76 -2.96 12.10
CA VAL A 185 3.68 -1.53 12.33
C VAL A 185 2.59 -1.18 13.34
N ALA A 186 1.43 -1.80 13.20
CA ALA A 186 0.28 -1.51 14.05
C ALA A 186 0.50 -1.98 15.48
N SER A 187 1.37 -2.96 15.67
CA SER A 187 1.66 -3.49 16.99
C SER A 187 2.77 -2.71 17.67
N GLY A 188 3.45 -1.86 16.90
CA GLY A 188 4.55 -1.07 17.43
C GLY A 188 5.86 -1.83 17.42
N THR A 189 5.84 -3.03 16.84
CA THR A 189 7.04 -3.84 16.72
C THR A 189 8.04 -3.17 15.80
N VAL A 190 7.56 -2.69 14.66
CA VAL A 190 8.41 -1.97 13.71
C VAL A 190 7.98 -0.51 13.62
N GLN A 191 8.96 0.39 13.70
CA GLN A 191 8.70 1.81 13.57
C GLN A 191 9.81 2.50 12.77
N LEU A 192 9.51 3.68 12.25
CA LEU A 192 10.50 4.46 11.53
C LEU A 192 11.43 5.16 12.53
N GLY A 193 12.71 4.81 12.48
CA GLY A 193 13.69 5.37 13.40
C GLY A 193 13.93 6.85 13.16
N GLU A 194 14.26 7.58 14.22
CA GLU A 194 14.52 9.01 14.12
C GLU A 194 15.76 9.28 13.26
N ASN A 195 16.64 8.30 13.18
CA ASN A 195 17.81 8.38 12.31
C ASN A 195 17.40 8.24 10.85
N GLY A 196 16.18 7.78 10.62
CA GLY A 196 15.66 7.58 9.28
C GLY A 196 15.39 6.12 9.00
N LYS A 197 16.23 5.24 9.52
CA LYS A 197 16.15 3.81 9.21
C LYS A 197 15.01 3.10 9.95
N ILE A 198 14.97 1.78 9.79
CA ILE A 198 13.94 0.94 10.40
C ILE A 198 14.36 0.49 11.80
N CYS A 199 13.45 0.64 12.76
CA CYS A 199 13.72 0.28 14.15
C CYS A 199 12.78 -0.81 14.65
N TRP A 200 13.37 -1.89 15.17
CA TRP A 200 12.60 -2.97 15.78
C TRP A 200 12.58 -2.83 17.29
N VAL A 201 11.71 -3.60 17.94
CA VAL A 201 11.58 -3.55 19.39
C VAL A 201 11.59 -4.95 19.99
#